data_8B6Q
#
_entry.id   8B6Q
#
_cell.length_a   74.530
_cell.length_b   74.530
_cell.length_c   177.840
_cell.angle_alpha   90.000
_cell.angle_beta   90.000
_cell.angle_gamma   90.000
#
_symmetry.space_group_name_H-M   'P 41 21 2'
#
loop_
_entity.id
_entity.type
_entity.pdbx_description
1 polymer 'Haloalkane dehalogenase,Calmodulin-1,Haloalkane dehalogenase,Calmodulin-1,M13 peptide'
2 non-polymer 'CHLORIDE ION'
3 non-polymer 'CALCIUM ION'
4 water water
#
_entity_poly.entity_id   1
_entity_poly.type   'polypeptide(L)'
_entity_poly.pdbx_seq_one_letter_code
;GIGTGFPFDPHYVEVLGERMHYVDVGPRDGTPVLFLHGNPTSSYVWRNIIPHVAPTHRCIAPDLIGMGKSDKPDLGYFFD
DHVRFMDAFIEALGLEEVVLVIHDWGSALGFHWAKRNPERVKGIAFMEFIRPIPTWDEWPEFARETFQAFRTTGSDQLTE
EQIAEFKEAFSLFDKDGDGTITTKELGTVMRSLGQNPTEAELQDMINEVDADGDGTIDFPEFLTMMARKMKDTDSEEEIR
EAFRVFDKDGNGYISAAELRHVMTNLGEKLTDEEVDEMIREADIDGDGQVNYEEFVVMMTAGGTGGDSSRRKFNKTGKAL
RAIGRLSSLEGGSVGRKLIIDQNVFIEGTLPMGVVRPLTEVEMDHYREPFLNPVDREPLWRFPNELPIAGEPANIVALVE
EYMDWLHQSPVPKLLFWGTPGVLIPPAEAARLAKSLPNCKAVDIGPGLNLLQEDNPDLIGSEIARWLSTLEI
;
_entity_poly.pdbx_strand_id   A
#
loop_
_chem_comp.id
_chem_comp.type
_chem_comp.name
_chem_comp.formula
CA non-polymer 'CALCIUM ION' 'Ca 2'
CL non-polymer 'CHLORIDE ION' 'Cl -1'
#
# COMPACT_ATOMS: atom_id res chain seq x y z
N GLY A 1 -27.43 -21.28 -7.94
CA GLY A 1 -26.13 -21.91 -8.07
C GLY A 1 -25.17 -21.12 -8.95
N ILE A 2 -24.54 -20.11 -8.36
CA ILE A 2 -23.58 -19.28 -9.09
C ILE A 2 -22.34 -20.11 -9.39
N GLY A 3 -21.96 -20.14 -10.67
CA GLY A 3 -20.80 -20.91 -11.07
C GLY A 3 -19.51 -20.30 -10.58
N THR A 4 -18.49 -21.17 -10.46
CA THR A 4 -17.18 -20.75 -9.98
C THR A 4 -16.04 -21.24 -10.88
N GLY A 5 -16.33 -21.92 -11.98
CA GLY A 5 -15.28 -22.36 -12.87
C GLY A 5 -14.73 -21.22 -13.71
N PHE A 6 -13.49 -21.38 -14.14
CA PHE A 6 -12.78 -20.37 -14.94
C PHE A 6 -12.33 -21.03 -16.24
N PRO A 7 -13.26 -21.22 -17.19
CA PRO A 7 -12.91 -21.93 -18.43
C PRO A 7 -12.57 -20.97 -19.57
N PHE A 8 -11.46 -20.25 -19.45
CA PHE A 8 -11.03 -19.31 -20.47
C PHE A 8 -9.60 -19.61 -20.88
N ASP A 9 -9.35 -19.58 -22.18
CA ASP A 9 -8.00 -19.83 -22.68
C ASP A 9 -7.09 -18.65 -22.33
N PRO A 10 -5.94 -18.89 -21.69
CA PRO A 10 -5.08 -17.77 -21.30
C PRO A 10 -4.20 -17.28 -22.44
N HIS A 11 -4.04 -15.97 -22.51
CA HIS A 11 -3.18 -15.32 -23.50
C HIS A 11 -2.23 -14.39 -22.78
N TYR A 12 -1.04 -14.21 -23.36
CA TYR A 12 0.01 -13.44 -22.73
C TYR A 12 0.63 -12.47 -23.73
N VAL A 13 1.21 -11.39 -23.19
CA VAL A 13 1.85 -10.36 -24.01
C VAL A 13 2.84 -9.61 -23.12
N GLU A 14 4.02 -9.32 -23.67
CA GLU A 14 5.05 -8.61 -22.95
C GLU A 14 4.85 -7.10 -23.08
N VAL A 15 5.01 -6.39 -21.96
CA VAL A 15 4.80 -4.95 -21.91
C VAL A 15 5.85 -4.35 -20.99
N LEU A 16 6.69 -3.46 -21.53
CA LEU A 16 7.69 -2.73 -20.75
C LEU A 16 8.59 -3.68 -19.98
N GLY A 17 9.16 -4.66 -20.69
CA GLY A 17 10.05 -5.63 -20.07
C GLY A 17 9.38 -6.64 -19.18
N GLU A 18 8.07 -6.58 -19.01
CA GLU A 18 7.33 -7.54 -18.20
C GLU A 18 6.19 -8.12 -19.02
N ARG A 19 5.72 -9.28 -18.62
CA ARG A 19 4.68 -10.01 -19.34
C ARG A 19 3.34 -9.86 -18.60
N MET A 20 2.28 -9.66 -19.37
CA MET A 20 0.93 -9.56 -18.83
C MET A 20 0.07 -10.68 -19.39
N HIS A 21 -1.06 -10.90 -18.73
CA HIS A 21 -1.97 -12.00 -19.08
C HIS A 21 -3.37 -11.45 -19.31
N TYR A 22 -4.08 -12.01 -20.29
CA TYR A 22 -5.41 -11.54 -20.62
C TYR A 22 -6.22 -12.66 -21.25
N VAL A 23 -7.54 -12.59 -21.07
CA VAL A 23 -8.50 -13.49 -21.70
C VAL A 23 -8.92 -12.88 -23.03
N ASP A 24 -9.12 -13.73 -24.04
CA ASP A 24 -9.47 -13.23 -25.38
C ASP A 24 -10.34 -14.29 -26.06
N VAL A 25 -11.66 -14.15 -25.89
CA VAL A 25 -12.64 -15.03 -26.51
C VAL A 25 -13.72 -14.17 -27.14
N GLY A 26 -14.16 -14.54 -28.34
CA GLY A 26 -15.21 -13.83 -29.04
C GLY A 26 -14.88 -13.63 -30.51
N PRO A 27 -15.82 -13.04 -31.25
CA PRO A 27 -15.57 -12.78 -32.68
C PRO A 27 -14.44 -11.77 -32.85
N ARG A 28 -13.56 -12.06 -33.81
CA ARG A 28 -12.32 -11.31 -33.98
C ARG A 28 -12.52 -9.95 -34.63
N ASP A 29 -13.69 -9.66 -35.19
CA ASP A 29 -13.95 -8.39 -35.84
C ASP A 29 -14.99 -7.60 -35.06
N GLY A 30 -15.03 -6.31 -35.33
CA GLY A 30 -15.94 -5.41 -34.62
C GLY A 30 -15.22 -4.52 -33.64
N THR A 31 -15.83 -4.29 -32.48
CA THR A 31 -15.24 -3.46 -31.43
C THR A 31 -14.96 -4.33 -30.21
N PRO A 32 -13.72 -4.42 -29.74
CA PRO A 32 -13.44 -5.21 -28.54
C PRO A 32 -14.04 -4.57 -27.30
N VAL A 33 -14.38 -5.43 -26.33
CA VAL A 33 -14.93 -5.00 -25.05
C VAL A 33 -13.87 -5.30 -23.99
N LEU A 34 -13.22 -4.26 -23.49
CA LEU A 34 -12.10 -4.41 -22.58
C LEU A 34 -12.59 -4.41 -21.14
N PHE A 35 -12.43 -5.54 -20.45
CA PHE A 35 -12.75 -5.66 -19.03
C PHE A 35 -11.53 -5.32 -18.20
N LEU A 36 -11.71 -4.43 -17.23
CA LEU A 36 -10.62 -4.02 -16.33
C LEU A 36 -11.06 -4.25 -14.89
N HIS A 37 -10.30 -5.07 -14.16
CA HIS A 37 -10.59 -5.38 -12.78
C HIS A 37 -9.86 -4.43 -11.85
N GLY A 38 -10.18 -4.53 -10.56
CA GLY A 38 -9.55 -3.70 -9.56
C GLY A 38 -8.95 -4.50 -8.43
N ASN A 39 -8.82 -3.87 -7.25
CA ASN A 39 -8.27 -4.45 -6.04
C ASN A 39 -9.38 -5.03 -5.18
N PRO A 40 -9.22 -6.24 -4.61
CA PRO A 40 -8.07 -7.13 -4.77
C PRO A 40 -8.35 -8.36 -5.63
N THR A 41 -8.88 -8.15 -6.83
CA THR A 41 -9.35 -9.26 -7.66
C THR A 41 -8.43 -9.43 -8.88
N SER A 42 -8.96 -10.07 -9.92
CA SER A 42 -8.30 -10.26 -11.20
C SER A 42 -9.39 -10.51 -12.24
N SER A 43 -9.05 -11.21 -13.33
CA SER A 43 -10.05 -11.57 -14.32
C SER A 43 -11.11 -12.50 -13.76
N TYR A 44 -10.84 -13.15 -12.62
CA TYR A 44 -11.79 -14.08 -12.01
C TYR A 44 -13.10 -13.41 -11.63
N VAL A 45 -13.10 -12.09 -11.46
CA VAL A 45 -14.33 -11.37 -11.11
C VAL A 45 -15.27 -11.21 -12.30
N TRP A 46 -14.80 -11.49 -13.52
CA TRP A 46 -15.63 -11.38 -14.72
C TRP A 46 -16.00 -12.75 -15.30
N ARG A 47 -15.82 -13.82 -14.53
CA ARG A 47 -15.96 -15.17 -15.08
C ARG A 47 -17.40 -15.48 -15.48
N ASN A 48 -18.38 -14.87 -14.82
CA ASN A 48 -19.79 -15.15 -15.06
C ASN A 48 -20.50 -14.00 -15.77
N ILE A 49 -19.74 -13.09 -16.37
CA ILE A 49 -20.32 -11.94 -17.08
C ILE A 49 -19.87 -12.00 -18.53
N ILE A 50 -18.68 -12.53 -18.76
CA ILE A 50 -18.19 -12.71 -20.13
C ILE A 50 -19.10 -13.63 -20.95
N PRO A 51 -19.60 -14.75 -20.43
CA PRO A 51 -20.51 -15.58 -21.24
C PRO A 51 -21.74 -14.83 -21.75
N HIS A 52 -22.18 -13.78 -21.05
CA HIS A 52 -23.31 -13.00 -21.52
C HIS A 52 -22.95 -12.05 -22.67
N VAL A 53 -21.65 -11.89 -22.96
CA VAL A 53 -21.20 -10.89 -23.92
C VAL A 53 -20.37 -11.57 -25.01
N ALA A 54 -19.70 -12.67 -24.65
CA ALA A 54 -18.78 -13.33 -25.57
C ALA A 54 -19.38 -13.71 -26.92
N PRO A 55 -20.60 -14.22 -27.04
CA PRO A 55 -21.10 -14.61 -28.37
C PRO A 55 -21.15 -13.46 -29.37
N THR A 56 -21.71 -12.31 -28.98
CA THR A 56 -21.90 -11.23 -29.95
C THR A 56 -20.65 -10.36 -30.09
N HIS A 57 -19.99 -10.04 -28.98
CA HIS A 57 -18.87 -9.12 -28.98
C HIS A 57 -17.62 -9.80 -28.44
N ARG A 58 -16.46 -9.30 -28.87
CA ARG A 58 -15.18 -9.78 -28.37
C ARG A 58 -14.94 -9.26 -26.96
N CYS A 59 -14.42 -10.14 -26.10
CA CYS A 59 -14.18 -9.82 -24.70
C CYS A 59 -12.70 -9.95 -24.39
N ILE A 60 -12.11 -8.88 -23.87
CA ILE A 60 -10.71 -8.88 -23.45
C ILE A 60 -10.67 -8.47 -21.98
N ALA A 61 -10.08 -9.32 -21.15
CA ALA A 61 -10.02 -9.10 -19.70
C ALA A 61 -8.60 -9.37 -19.22
N PRO A 62 -7.75 -8.36 -19.19
CA PRO A 62 -6.39 -8.55 -18.68
C PRO A 62 -6.32 -8.46 -17.16
N ASP A 63 -5.24 -9.03 -16.63
CA ASP A 63 -4.89 -8.89 -15.23
C ASP A 63 -3.84 -7.79 -15.10
N LEU A 64 -4.04 -6.90 -14.13
CA LEU A 64 -3.11 -5.80 -13.93
C LEU A 64 -1.71 -6.31 -13.60
N ILE A 65 -0.72 -5.45 -13.80
CA ILE A 65 0.66 -5.84 -13.56
C ILE A 65 0.84 -6.16 -12.08
N GLY A 66 1.49 -7.29 -11.80
CA GLY A 66 1.63 -7.75 -10.44
C GLY A 66 0.40 -8.39 -9.85
N MET A 67 -0.61 -8.69 -10.67
CA MET A 67 -1.85 -9.29 -10.20
C MET A 67 -2.28 -10.35 -11.20
N GLY A 68 -3.19 -11.22 -10.76
CA GLY A 68 -3.70 -12.30 -11.60
C GLY A 68 -2.61 -13.24 -12.09
N LYS A 69 -2.36 -13.24 -13.40
CA LYS A 69 -1.30 -14.05 -13.98
C LYS A 69 -0.23 -13.22 -14.68
N SER A 70 -0.31 -11.89 -14.57
CA SER A 70 0.74 -11.04 -15.13
C SER A 70 2.02 -11.19 -14.31
N ASP A 71 3.12 -10.74 -14.90
CA ASP A 71 4.41 -10.78 -14.20
C ASP A 71 4.37 -9.87 -12.96
N LYS A 72 5.28 -10.14 -12.04
CA LYS A 72 5.35 -9.44 -10.76
C LYS A 72 6.73 -8.81 -10.62
N PRO A 73 6.97 -7.68 -11.29
CA PRO A 73 8.26 -6.99 -11.12
C PRO A 73 8.33 -6.30 -9.76
N ASP A 74 9.56 -5.96 -9.37
CA ASP A 74 9.81 -5.29 -8.10
C ASP A 74 9.53 -3.80 -8.29
N LEU A 75 8.28 -3.42 -8.04
CA LEU A 75 7.84 -2.04 -8.19
C LEU A 75 7.03 -1.63 -6.96
N GLY A 76 6.79 -0.32 -6.85
CA GLY A 76 5.85 0.17 -5.85
C GLY A 76 4.40 -0.01 -6.24
N TYR A 77 4.14 -0.27 -7.52
CA TYR A 77 2.79 -0.52 -8.04
C TYR A 77 1.86 0.65 -7.76
N PHE A 78 2.37 1.87 -7.88
CA PHE A 78 1.53 3.05 -7.81
C PHE A 78 0.52 3.04 -8.95
N PHE A 79 -0.44 3.97 -8.88
CA PHE A 79 -1.42 4.09 -9.95
C PHE A 79 -0.75 4.42 -11.28
N ASP A 80 0.28 5.26 -11.25
CA ASP A 80 1.00 5.61 -12.47
C ASP A 80 1.72 4.40 -13.05
N ASP A 81 2.11 3.44 -12.21
CA ASP A 81 2.70 2.20 -12.73
C ASP A 81 1.68 1.42 -13.53
N HIS A 82 0.44 1.33 -13.04
CA HIS A 82 -0.60 0.63 -13.78
C HIS A 82 -0.99 1.37 -15.05
N VAL A 83 -0.88 2.70 -15.05
CA VAL A 83 -1.21 3.48 -16.24
C VAL A 83 -0.19 3.19 -17.34
N ARG A 84 1.09 3.19 -17.00
CA ARG A 84 2.13 2.94 -17.99
C ARG A 84 2.00 1.54 -18.59
N PHE A 85 1.69 0.55 -17.76
CA PHE A 85 1.58 -0.82 -18.26
C PHE A 85 0.29 -1.03 -19.04
N MET A 86 -0.82 -0.43 -18.60
CA MET A 86 -2.07 -0.57 -19.32
C MET A 86 -2.05 0.21 -20.63
N ASP A 87 -1.34 1.34 -20.66
CA ASP A 87 -1.21 2.09 -21.91
C ASP A 87 -0.48 1.28 -22.97
N ALA A 88 0.68 0.73 -22.61
CA ALA A 88 1.46 -0.06 -23.56
C ALA A 88 0.81 -1.40 -23.88
N PHE A 89 -0.04 -1.91 -22.99
CA PHE A 89 -0.76 -3.16 -23.28
C PHE A 89 -1.87 -2.93 -24.30
N ILE A 90 -2.60 -1.82 -24.18
CA ILE A 90 -3.67 -1.53 -25.12
C ILE A 90 -3.11 -1.32 -26.52
N GLU A 91 -1.97 -0.62 -26.63
CA GLU A 91 -1.36 -0.39 -27.92
C GLU A 91 -0.56 -1.60 -28.42
N ALA A 92 -0.16 -2.51 -27.53
CA ALA A 92 0.50 -3.73 -27.97
C ALA A 92 -0.44 -4.60 -28.78
N LEU A 93 -1.71 -4.66 -28.37
CA LEU A 93 -2.73 -5.40 -29.11
C LEU A 93 -3.27 -4.63 -30.30
N GLY A 94 -2.80 -3.41 -30.53
CA GLY A 94 -3.23 -2.63 -31.67
C GLY A 94 -4.69 -2.24 -31.67
N LEU A 95 -5.27 -2.05 -30.48
CA LEU A 95 -6.68 -1.71 -30.39
C LEU A 95 -6.92 -0.24 -30.74
N GLU A 96 -8.08 0.03 -31.33
CA GLU A 96 -8.50 1.39 -31.64
C GLU A 96 -9.84 1.69 -30.98
N GLU A 97 -10.94 1.29 -31.62
CA GLU A 97 -12.25 1.43 -31.00
C GLU A 97 -12.37 0.42 -29.86
N VAL A 98 -12.84 0.89 -28.70
CA VAL A 98 -12.87 0.09 -27.48
C VAL A 98 -14.14 0.39 -26.71
N VAL A 99 -14.76 -0.65 -26.16
CA VAL A 99 -15.83 -0.53 -25.18
C VAL A 99 -15.27 -0.95 -23.83
N LEU A 100 -15.56 -0.17 -22.79
CA LEU A 100 -14.98 -0.36 -21.47
C LEU A 100 -16.02 -0.90 -20.50
N VAL A 101 -15.69 -2.01 -19.85
CA VAL A 101 -16.43 -2.52 -18.70
C VAL A 101 -15.45 -2.56 -17.54
N ILE A 102 -15.62 -1.66 -16.58
CA ILE A 102 -14.60 -1.39 -15.57
C ILE A 102 -15.23 -1.41 -14.18
N HIS A 103 -14.39 -1.64 -13.18
CA HIS A 103 -14.84 -1.73 -11.80
C HIS A 103 -13.66 -1.46 -10.87
N ASP A 104 -13.94 -0.79 -9.76
CA ASP A 104 -12.98 -0.53 -8.68
C ASP A 104 -11.81 0.25 -9.28
N TRP A 105 -10.55 -0.19 -9.10
CA TRP A 105 -9.43 0.55 -9.65
C TRP A 105 -9.32 0.40 -11.17
N GLY A 106 -9.96 -0.61 -11.74
CA GLY A 106 -10.02 -0.69 -13.20
C GLY A 106 -10.78 0.46 -13.82
N SER A 107 -11.72 1.05 -13.07
CA SER A 107 -12.46 2.20 -13.57
C SER A 107 -11.57 3.44 -13.61
N ALA A 108 -10.68 3.58 -12.63
CA ALA A 108 -9.72 4.69 -12.68
C ALA A 108 -8.79 4.55 -13.87
N LEU A 109 -8.45 3.32 -14.26
CA LEU A 109 -7.64 3.12 -15.45
C LEU A 109 -8.44 3.36 -16.72
N GLY A 110 -9.69 2.88 -16.77
CA GLY A 110 -10.48 3.05 -17.96
C GLY A 110 -10.90 4.49 -18.20
N PHE A 111 -11.32 5.19 -17.14
CA PHE A 111 -11.76 6.57 -17.30
C PHE A 111 -10.59 7.49 -17.62
N HIS A 112 -9.44 7.29 -16.97
CA HIS A 112 -8.27 8.11 -17.26
C HIS A 112 -7.78 7.88 -18.69
N TRP A 113 -7.86 6.64 -19.17
CA TRP A 113 -7.49 6.35 -20.55
C TRP A 113 -8.50 6.93 -21.53
N ALA A 114 -9.78 6.96 -21.15
CA ALA A 114 -10.81 7.51 -22.02
C ALA A 114 -10.69 9.02 -22.14
N LYS A 115 -10.28 9.69 -21.06
CA LYS A 115 -10.09 11.14 -21.12
C LYS A 115 -8.97 11.52 -22.08
N ARG A 116 -7.93 10.69 -22.17
CA ARG A 116 -6.80 10.98 -23.04
C ARG A 116 -7.00 10.46 -24.46
N ASN A 117 -7.97 9.57 -24.67
CA ASN A 117 -8.31 9.08 -26.01
C ASN A 117 -9.83 9.01 -26.13
N PRO A 118 -10.50 10.16 -26.16
CA PRO A 118 -11.97 10.14 -26.21
C PRO A 118 -12.53 9.71 -27.56
N GLU A 119 -11.77 9.87 -28.65
CA GLU A 119 -12.22 9.48 -29.98
C GLU A 119 -12.14 7.97 -30.21
N ARG A 120 -11.82 7.20 -29.18
CA ARG A 120 -11.64 5.76 -29.31
C ARG A 120 -12.45 4.96 -28.29
N VAL A 121 -13.43 5.60 -27.66
CA VAL A 121 -14.26 4.95 -26.64
C VAL A 121 -15.70 4.99 -27.14
N LYS A 122 -16.27 3.82 -27.42
CA LYS A 122 -17.63 3.72 -27.94
C LYS A 122 -18.68 3.53 -26.85
N GLY A 123 -18.29 3.01 -25.69
CA GLY A 123 -19.22 2.79 -24.60
C GLY A 123 -18.52 2.41 -23.31
N ILE A 124 -19.10 2.78 -22.17
CA ILE A 124 -18.50 2.53 -20.87
C ILE A 124 -19.56 1.97 -19.92
N ALA A 125 -19.36 0.73 -19.50
CA ALA A 125 -20.12 0.14 -18.40
C ALA A 125 -19.24 0.11 -17.16
N PHE A 126 -19.82 0.43 -16.00
CA PHE A 126 -19.00 0.55 -14.80
C PHE A 126 -19.89 0.37 -13.57
N MET A 127 -19.23 0.02 -12.47
CA MET A 127 -19.91 -0.20 -11.20
C MET A 127 -18.89 -0.04 -10.08
N GLU A 128 -19.31 0.59 -8.98
CA GLU A 128 -18.46 0.82 -7.82
C GLU A 128 -17.12 1.43 -8.22
N PHE A 129 -17.19 2.50 -9.00
CA PHE A 129 -15.99 3.10 -9.56
C PHE A 129 -15.30 4.00 -8.55
N ILE A 130 -14.10 4.44 -8.90
CA ILE A 130 -13.32 5.33 -8.05
C ILE A 130 -13.83 6.75 -8.20
N ARG A 131 -14.17 7.38 -7.09
CA ARG A 131 -14.66 8.75 -7.06
C ARG A 131 -13.96 9.52 -5.96
N PRO A 132 -13.84 10.84 -6.11
CA PRO A 132 -13.29 11.65 -5.02
C PRO A 132 -14.29 11.75 -3.88
N ILE A 133 -13.80 11.60 -2.65
CA ILE A 133 -14.60 11.78 -1.45
C ILE A 133 -13.97 12.90 -0.64
N PRO A 134 -14.74 13.88 -0.18
CA PRO A 134 -14.15 15.03 0.52
C PRO A 134 -13.71 14.70 1.94
N THR A 135 -14.58 14.06 2.71
CA THR A 135 -14.34 13.80 4.11
C THR A 135 -14.36 12.31 4.40
N TRP A 136 -13.68 11.91 5.48
CA TRP A 136 -13.78 10.54 5.95
C TRP A 136 -15.18 10.17 6.38
N ASP A 137 -16.01 11.16 6.72
CA ASP A 137 -17.39 10.89 7.09
C ASP A 137 -18.24 10.41 5.91
N GLU A 138 -17.78 10.64 4.68
CA GLU A 138 -18.52 10.14 3.52
C GLU A 138 -18.17 8.70 3.21
N TRP A 139 -16.97 8.26 3.56
CA TRP A 139 -16.62 6.85 3.41
C TRP A 139 -17.50 6.02 4.34
N PRO A 140 -17.94 4.83 3.90
CA PRO A 140 -18.81 4.01 4.74
C PRO A 140 -18.15 3.67 6.07
N GLU A 141 -18.87 3.92 7.16
CA GLU A 141 -18.31 3.77 8.50
C GLU A 141 -18.04 2.32 8.89
N PHE A 142 -18.56 1.35 8.14
CA PHE A 142 -18.26 -0.04 8.45
C PHE A 142 -16.80 -0.38 8.12
N ALA A 143 -16.22 0.28 7.12
CA ALA A 143 -14.83 0.09 6.76
C ALA A 143 -14.00 1.36 6.96
N ARG A 144 -14.54 2.32 7.72
CA ARG A 144 -13.83 3.57 7.95
C ARG A 144 -12.62 3.37 8.86
N GLU A 145 -12.79 2.58 9.92
CA GLU A 145 -11.69 2.36 10.86
C GLU A 145 -10.64 1.44 10.29
N THR A 146 -11.03 0.50 9.42
CA THR A 146 -10.08 -0.46 8.88
C THR A 146 -9.26 0.12 7.74
N PHE A 147 -9.91 0.77 6.78
CA PHE A 147 -9.20 1.39 5.67
C PHE A 147 -8.31 2.55 6.13
N GLN A 148 -8.59 3.12 7.30
CA GLN A 148 -7.65 4.06 7.90
C GLN A 148 -6.36 3.37 8.32
N ALA A 149 -6.49 2.16 8.88
CA ALA A 149 -5.31 1.44 9.35
C ALA A 149 -4.31 1.19 8.23
N PHE A 150 -4.79 1.06 6.99
CA PHE A 150 -3.88 0.91 5.87
C PHE A 150 -3.13 2.21 5.58
N ARG A 151 -3.69 3.35 5.99
CA ARG A 151 -3.14 4.65 5.65
C ARG A 151 -2.74 5.49 6.85
N THR A 152 -3.02 5.04 8.07
CA THR A 152 -2.66 5.77 9.28
C THR A 152 -1.25 5.42 9.76
N THR A 153 -0.44 4.80 8.92
CA THR A 153 0.93 4.45 9.31
C THR A 153 1.78 5.71 9.39
N GLY A 154 2.54 5.83 10.48
CA GLY A 154 3.41 6.96 10.67
C GLY A 154 2.67 8.21 11.13
N SER A 155 3.45 9.16 11.64
CA SER A 155 2.94 10.45 12.12
C SER A 155 1.85 10.25 13.16
N ASP A 156 2.09 9.33 14.09
CA ASP A 156 1.12 9.01 15.13
C ASP A 156 1.27 10.02 16.28
N GLN A 157 0.84 11.25 16.00
CA GLN A 157 0.82 12.33 16.97
C GLN A 157 2.21 12.64 17.53
N LEU A 158 3.25 12.48 16.70
CA LEU A 158 4.60 12.88 17.07
C LEU A 158 4.74 14.39 16.88
N THR A 159 5.07 15.10 17.96
CA THR A 159 5.06 16.57 17.94
C THR A 159 6.34 17.08 18.58
N GLU A 160 6.34 18.38 18.93
CA GLU A 160 7.48 19.11 19.49
C GLU A 160 8.82 18.61 18.97
N GLU A 161 9.77 18.32 19.87
CA GLU A 161 11.08 17.84 19.48
C GLU A 161 11.12 16.34 19.23
N GLN A 162 10.00 15.62 19.39
CA GLN A 162 9.99 14.19 19.08
C GLN A 162 10.35 13.95 17.63
N ILE A 163 9.74 14.70 16.71
CA ILE A 163 10.17 14.65 15.32
C ILE A 163 11.57 15.20 15.18
N ALA A 164 11.95 16.17 16.04
CA ALA A 164 13.29 16.72 16.00
C ALA A 164 14.32 15.83 16.68
N GLU A 165 13.87 14.87 17.50
CA GLU A 165 14.81 13.90 18.07
C GLU A 165 15.10 12.78 17.09
N PHE A 166 14.07 12.29 16.38
CA PHE A 166 14.30 11.24 15.40
C PHE A 166 15.08 11.75 14.20
N LYS A 167 14.98 13.04 13.88
CA LYS A 167 15.75 13.59 12.77
C LYS A 167 17.23 13.66 13.11
N GLU A 168 17.56 13.85 14.38
CA GLU A 168 18.97 13.77 14.80
C GLU A 168 19.45 12.33 14.80
N ALA A 169 18.60 11.40 15.25
CA ALA A 169 18.91 9.99 15.10
C ALA A 169 18.99 9.59 13.64
N PHE A 170 18.18 10.24 12.79
CA PHE A 170 18.25 10.00 11.35
C PHE A 170 19.56 10.54 10.78
N SER A 171 20.16 11.54 11.44
CA SER A 171 21.42 12.11 10.98
C SER A 171 22.62 11.22 11.27
N LEU A 172 22.50 10.30 12.24
CA LEU A 172 23.61 9.40 12.53
C LEU A 172 23.89 8.45 11.38
N PHE A 173 22.86 8.10 10.60
CA PHE A 173 23.02 7.16 9.50
C PHE A 173 23.36 7.84 8.18
N ASP A 174 22.71 8.96 7.88
CA ASP A 174 22.89 9.65 6.61
C ASP A 174 24.15 10.50 6.66
N LYS A 175 25.26 9.93 6.21
CA LYS A 175 26.50 10.70 6.09
C LYS A 175 26.54 11.51 4.82
N ASP A 176 25.97 11.00 3.73
CA ASP A 176 25.91 11.73 2.47
C ASP A 176 24.66 12.57 2.32
N GLY A 177 23.81 12.62 3.35
CA GLY A 177 22.64 13.49 3.34
C GLY A 177 21.66 13.23 2.22
N ASP A 178 21.59 11.99 1.74
CA ASP A 178 20.69 11.64 0.64
C ASP A 178 19.23 11.55 1.07
N GLY A 179 18.91 11.79 2.34
CA GLY A 179 17.56 11.63 2.85
C GLY A 179 17.10 10.19 2.94
N THR A 180 17.88 9.26 2.40
CA THR A 180 17.57 7.84 2.44
C THR A 180 18.75 7.09 3.03
N ILE A 181 18.45 6.04 3.78
CA ILE A 181 19.47 5.23 4.44
C ILE A 181 19.86 4.09 3.50
N THR A 182 21.10 4.12 3.03
CA THR A 182 21.58 3.10 2.13
C THR A 182 21.69 1.75 2.84
N THR A 183 21.44 0.67 2.09
CA THR A 183 21.54 -0.67 2.65
C THR A 183 22.96 -1.01 3.10
N LYS A 184 23.96 -0.31 2.57
CA LYS A 184 25.33 -0.44 3.06
C LYS A 184 25.64 0.53 4.19
N GLU A 185 25.09 1.75 4.11
CA GLU A 185 25.36 2.75 5.13
C GLU A 185 24.75 2.36 6.47
N LEU A 186 23.68 1.57 6.45
CA LEU A 186 23.17 0.98 7.69
C LEU A 186 24.19 0.02 8.28
N GLY A 187 24.70 -0.90 7.45
CA GLY A 187 25.74 -1.80 7.89
C GLY A 187 27.03 -1.12 8.26
N THR A 188 27.24 0.11 7.76
CA THR A 188 28.43 0.86 8.14
C THR A 188 28.41 1.19 9.63
N VAL A 189 27.23 1.46 10.19
CA VAL A 189 27.12 1.69 11.63
C VAL A 189 26.82 0.41 12.40
N MET A 190 26.28 -0.62 11.74
CA MET A 190 26.13 -1.92 12.37
C MET A 190 27.50 -2.50 12.71
N ARG A 191 28.43 -2.45 11.75
CA ARG A 191 29.81 -2.83 12.03
C ARG A 191 30.46 -1.88 13.03
N SER A 192 30.06 -0.61 13.01
CA SER A 192 30.64 0.38 13.90
C SER A 192 30.19 0.23 15.35
N LEU A 193 29.19 -0.62 15.61
CA LEU A 193 28.68 -0.83 16.96
C LEU A 193 29.03 -2.22 17.50
N GLY A 194 30.07 -2.85 16.95
CA GLY A 194 30.49 -4.15 17.41
C GLY A 194 29.82 -5.33 16.73
N GLN A 195 28.80 -5.08 15.92
CA GLN A 195 28.10 -6.14 15.20
C GLN A 195 28.65 -6.26 13.79
N ASN A 196 28.02 -7.15 13.00
CA ASN A 196 28.30 -7.31 11.58
C ASN A 196 27.29 -8.30 10.98
N PRO A 197 26.12 -7.82 10.56
CA PRO A 197 25.12 -8.73 9.99
C PRO A 197 25.46 -9.13 8.56
N THR A 198 24.73 -10.11 8.07
CA THR A 198 24.88 -10.53 6.69
C THR A 198 24.21 -9.53 5.75
N GLU A 199 24.53 -9.63 4.46
CA GLU A 199 23.84 -8.80 3.47
C GLU A 199 22.38 -9.18 3.36
N ALA A 200 22.05 -10.45 3.59
CA ALA A 200 20.64 -10.85 3.63
C ALA A 200 19.92 -10.20 4.81
N GLU A 201 20.56 -10.18 5.98
CA GLU A 201 19.96 -9.53 7.14
C GLU A 201 19.92 -8.02 6.98
N LEU A 202 20.90 -7.45 6.28
CA LEU A 202 20.95 -6.00 6.11
C LEU A 202 19.76 -5.49 5.32
N GLN A 203 19.46 -6.14 4.19
CA GLN A 203 18.35 -5.70 3.35
C GLN A 203 17.01 -6.25 3.81
N ASP A 204 17.00 -7.31 4.63
CA ASP A 204 15.74 -7.82 5.15
C ASP A 204 15.13 -6.85 6.16
N MET A 205 15.98 -6.19 6.95
CA MET A 205 15.48 -5.16 7.87
C MET A 205 14.96 -3.95 7.12
N ILE A 206 15.45 -3.72 5.90
CA ILE A 206 14.94 -2.61 5.10
C ILE A 206 13.67 -3.02 4.35
N ASN A 207 13.58 -4.27 3.93
CA ASN A 207 12.38 -4.77 3.26
C ASN A 207 11.17 -4.83 4.18
N GLU A 208 11.32 -4.44 5.45
CA GLU A 208 10.20 -4.39 6.38
C GLU A 208 9.51 -3.03 6.40
N VAL A 209 10.25 -1.95 6.16
CA VAL A 209 9.70 -0.61 6.25
C VAL A 209 10.17 0.24 5.07
N ASP A 210 9.98 -0.28 3.86
CA ASP A 210 10.25 0.45 2.62
C ASP A 210 8.93 0.55 1.86
N ALA A 211 8.06 1.45 2.32
CA ALA A 211 6.80 1.67 1.63
C ALA A 211 6.99 2.46 0.34
N ASP A 212 8.06 3.26 0.26
CA ASP A 212 8.32 4.06 -0.93
C ASP A 212 8.60 3.18 -2.15
N GLY A 213 9.28 2.07 -1.95
CA GLY A 213 9.74 1.26 -3.05
C GLY A 213 11.14 1.58 -3.53
N ASP A 214 11.80 2.56 -2.91
CA ASP A 214 13.19 2.89 -3.23
C ASP A 214 14.16 1.77 -2.90
N GLY A 215 13.71 0.72 -2.22
CA GLY A 215 14.62 -0.28 -1.70
C GLY A 215 15.42 0.17 -0.50
N THR A 216 15.28 1.41 -0.08
CA THR A 216 15.99 2.00 1.04
C THR A 216 14.99 2.49 2.08
N ILE A 217 15.49 3.22 3.07
CA ILE A 217 14.70 3.67 4.21
C ILE A 217 14.52 5.18 4.13
N ASP A 218 13.28 5.64 4.25
CA ASP A 218 12.96 7.06 4.27
C ASP A 218 12.72 7.53 5.69
N PHE A 219 12.73 8.85 5.88
CA PHE A 219 12.46 9.44 7.18
C PHE A 219 11.00 9.28 7.58
N PRO A 220 10.03 9.49 6.67
CA PRO A 220 8.65 9.08 7.02
C PRO A 220 8.55 7.61 7.34
N GLU A 221 9.32 6.76 6.66
CA GLU A 221 9.40 5.36 7.03
C GLU A 221 10.18 5.16 8.32
N PHE A 222 11.08 6.09 8.66
CA PHE A 222 11.78 6.01 9.93
C PHE A 222 10.87 6.37 11.10
N LEU A 223 9.85 7.20 10.84
CA LEU A 223 8.93 7.61 11.90
C LEU A 223 7.90 6.52 12.19
N THR A 224 7.38 5.86 11.14
CA THR A 224 6.37 4.82 11.37
C THR A 224 6.95 3.63 12.11
N MET A 225 8.26 3.40 11.99
CA MET A 225 8.88 2.33 12.76
C MET A 225 8.90 2.66 14.25
N MET A 226 9.26 3.90 14.59
CA MET A 226 9.36 4.33 15.98
C MET A 226 7.96 4.69 16.51
N ALA A 227 7.13 3.66 16.64
CA ALA A 227 5.80 3.82 17.20
C ALA A 227 5.86 3.84 18.72
N ARG A 228 4.88 4.47 19.34
CA ARG A 228 4.81 4.60 20.79
C ARG A 228 4.19 3.38 21.46
N LYS A 229 4.19 2.22 20.80
CA LYS A 229 3.65 0.99 21.40
C LYS A 229 4.69 0.41 22.33
N MET A 230 4.74 0.96 23.55
CA MET A 230 5.76 0.60 24.55
C MET A 230 5.17 -0.45 25.47
N LYS A 231 5.29 -1.72 25.08
CA LYS A 231 4.93 -2.81 25.96
C LYS A 231 5.94 -2.88 27.11
N ASP A 232 5.43 -3.06 28.33
CA ASP A 232 6.27 -2.97 29.51
C ASP A 232 7.44 -3.95 29.46
N THR A 233 7.21 -5.15 28.92
CA THR A 233 8.23 -6.17 28.84
C THR A 233 8.76 -6.40 27.43
N ASP A 234 7.89 -6.39 26.43
CA ASP A 234 8.32 -6.62 25.06
C ASP A 234 9.21 -5.50 24.53
N SER A 235 9.13 -4.31 25.11
CA SER A 235 10.03 -3.22 24.77
C SER A 235 11.23 -3.14 25.70
N GLU A 236 11.33 -4.04 26.68
CA GLU A 236 12.53 -4.09 27.52
C GLU A 236 13.68 -4.78 26.82
N GLU A 237 13.41 -5.56 25.78
CA GLU A 237 14.48 -6.25 25.06
C GLU A 237 15.31 -5.30 24.23
N GLU A 238 14.77 -4.16 23.82
CA GLU A 238 15.53 -3.20 23.02
C GLU A 238 16.31 -2.21 23.88
N ILE A 239 15.82 -1.88 25.08
CA ILE A 239 16.61 -1.07 25.99
C ILE A 239 17.72 -1.90 26.63
N ARG A 240 17.42 -3.15 26.99
CA ARG A 240 18.48 -4.05 27.46
C ARG A 240 19.53 -4.26 26.38
N GLU A 241 19.09 -4.42 25.13
CA GLU A 241 20.05 -4.53 24.03
C GLU A 241 20.82 -3.25 23.82
N ALA A 242 20.19 -2.10 24.05
CA ALA A 242 20.91 -0.83 24.00
C ALA A 242 21.99 -0.78 25.09
N PHE A 243 21.74 -1.42 26.24
CA PHE A 243 22.73 -1.47 27.29
C PHE A 243 23.89 -2.38 26.92
N ARG A 244 23.63 -3.46 26.18
CA ARG A 244 24.69 -4.36 25.76
C ARG A 244 25.67 -3.69 24.80
N VAL A 245 25.19 -2.68 24.05
CA VAL A 245 26.06 -1.98 23.11
C VAL A 245 27.11 -1.16 23.87
N PHE A 246 26.72 -0.55 24.98
CA PHE A 246 27.68 0.19 25.81
C PHE A 246 28.55 -0.77 26.62
N ASP A 247 27.92 -1.63 27.43
CA ASP A 247 28.64 -2.57 28.28
C ASP A 247 29.32 -3.66 27.47
N LYS A 248 30.57 -3.43 27.07
CA LYS A 248 31.27 -4.41 26.24
C LYS A 248 31.81 -5.57 27.06
N ASP A 249 32.46 -5.28 28.19
CA ASP A 249 33.02 -6.33 29.03
C ASP A 249 31.94 -7.14 29.75
N GLY A 250 30.71 -6.64 29.79
CA GLY A 250 29.61 -7.40 30.38
C GLY A 250 29.65 -7.49 31.88
N ASN A 251 30.23 -6.51 32.57
CA ASN A 251 30.31 -6.52 34.02
C ASN A 251 29.10 -5.86 34.68
N GLY A 252 28.23 -5.22 33.92
CA GLY A 252 27.04 -4.60 34.45
C GLY A 252 27.09 -3.10 34.60
N TYR A 253 28.16 -2.45 34.15
CA TYR A 253 28.29 -1.01 34.28
C TYR A 253 28.81 -0.43 32.96
N ILE A 254 28.41 0.81 32.69
CA ILE A 254 28.83 1.52 31.49
C ILE A 254 29.99 2.43 31.87
N SER A 255 31.19 2.10 31.41
CA SER A 255 32.35 2.91 31.71
C SER A 255 32.31 4.22 30.93
N ALA A 256 33.11 5.18 31.39
CA ALA A 256 33.25 6.44 30.65
C ALA A 256 33.89 6.21 29.30
N ALA A 257 34.79 5.24 29.20
CA ALA A 257 35.37 4.85 27.92
C ALA A 257 34.36 4.05 27.09
N GLU A 258 33.59 3.18 27.74
CA GLU A 258 32.52 2.47 27.03
C GLU A 258 31.47 3.45 26.52
N LEU A 259 31.20 4.51 27.28
CA LEU A 259 30.22 5.50 26.85
C LEU A 259 30.76 6.35 25.71
N ARG A 260 32.03 6.75 25.80
CA ARG A 260 32.59 7.63 24.77
C ARG A 260 32.83 6.89 23.46
N HIS A 261 33.01 5.56 23.51
CA HIS A 261 33.39 4.81 22.33
C HIS A 261 32.28 4.82 21.27
N VAL A 262 31.13 4.24 21.60
CA VAL A 262 30.05 4.09 20.64
C VAL A 262 29.55 5.44 20.16
N MET A 263 29.64 6.48 21.00
CA MET A 263 29.22 7.81 20.57
C MET A 263 30.25 8.43 19.63
N THR A 264 31.53 8.33 19.98
CA THR A 264 32.59 8.78 19.08
C THR A 264 32.82 7.83 17.92
N ASN A 265 32.33 6.58 18.02
CA ASN A 265 32.38 5.69 16.87
C ASN A 265 31.52 6.22 15.73
N LEU A 266 30.39 6.84 16.08
CA LEU A 266 29.57 7.52 15.10
C LEU A 266 29.99 8.99 15.08
N GLY A 267 29.14 9.87 14.55
CA GLY A 267 29.50 11.26 14.44
C GLY A 267 29.07 12.11 15.63
N GLU A 268 29.94 12.25 16.62
CA GLU A 268 29.67 13.06 17.79
C GLU A 268 30.94 13.75 18.25
N LYS A 269 30.76 14.81 19.03
CA LYS A 269 31.84 15.67 19.51
C LYS A 269 31.94 15.52 21.03
N LEU A 270 32.82 14.62 21.47
CA LEU A 270 33.07 14.40 22.89
C LEU A 270 34.57 14.26 23.11
N THR A 271 35.16 15.18 23.86
CA THR A 271 36.57 15.08 24.20
C THR A 271 36.72 14.30 25.51
N ASP A 272 37.89 14.39 26.14
CA ASP A 272 38.15 13.62 27.35
C ASP A 272 37.35 14.15 28.53
N GLU A 273 36.97 15.43 28.50
CA GLU A 273 36.22 16.04 29.59
C GLU A 273 34.85 16.54 29.15
N GLU A 274 34.38 16.16 27.96
CA GLU A 274 33.03 16.48 27.51
C GLU A 274 32.02 15.41 27.88
N VAL A 275 32.47 14.32 28.52
CA VAL A 275 31.57 13.21 28.85
C VAL A 275 31.24 13.15 30.33
N ASP A 276 31.92 13.92 31.17
CA ASP A 276 31.72 13.84 32.61
C ASP A 276 30.42 14.49 33.05
N GLU A 277 29.93 15.48 32.30
CA GLU A 277 28.72 16.20 32.71
C GLU A 277 27.46 15.37 32.54
N MET A 278 27.44 14.45 31.57
CA MET A 278 26.30 13.54 31.46
C MET A 278 26.44 12.33 32.38
N ILE A 279 27.64 12.06 32.88
CA ILE A 279 27.78 11.11 33.97
C ILE A 279 27.07 11.63 35.20
N ARG A 280 27.03 12.95 35.38
CA ARG A 280 26.35 13.55 36.54
C ARG A 280 24.87 13.19 36.55
N GLU A 281 24.18 13.43 35.43
CA GLU A 281 22.75 13.16 35.36
C GLU A 281 22.44 11.66 35.29
N ALA A 282 23.45 10.82 35.13
CA ALA A 282 23.26 9.37 35.10
C ALA A 282 23.72 8.70 36.40
N ASP A 283 24.96 8.98 36.83
CA ASP A 283 25.48 8.43 38.08
C ASP A 283 24.77 9.09 39.25
N ILE A 284 23.99 8.32 39.99
CA ILE A 284 23.23 8.86 41.12
C ILE A 284 23.67 8.17 42.41
N ASP A 285 24.18 6.94 42.30
CA ASP A 285 24.73 6.26 43.46
C ASP A 285 26.18 6.65 43.74
N GLY A 286 26.82 7.37 42.82
CA GLY A 286 28.15 7.91 43.05
C GLY A 286 29.31 7.00 42.73
N ASP A 287 29.09 5.91 42.00
CA ASP A 287 30.15 4.96 41.70
C ASP A 287 30.97 5.36 40.48
N GLY A 288 30.69 6.50 39.85
CA GLY A 288 31.39 6.88 38.65
C GLY A 288 31.05 6.08 37.43
N GLN A 289 30.00 5.27 37.47
CA GLN A 289 29.58 4.45 36.34
C GLN A 289 28.07 4.52 36.21
N VAL A 290 27.54 3.81 35.23
CA VAL A 290 26.11 3.75 34.97
C VAL A 290 25.70 2.28 34.91
N ASN A 291 24.83 1.86 35.83
CA ASN A 291 24.34 0.50 35.86
C ASN A 291 23.11 0.41 34.95
N TYR A 292 22.33 -0.67 35.07
CA TYR A 292 21.19 -0.84 34.18
C TYR A 292 20.02 0.07 34.56
N GLU A 293 19.67 0.12 35.85
CA GLU A 293 18.51 0.90 36.27
C GLU A 293 18.76 2.40 36.15
N GLU A 294 20.02 2.83 36.26
CA GLU A 294 20.36 4.21 35.94
C GLU A 294 20.31 4.47 34.45
N PHE A 295 20.49 3.43 33.63
CA PHE A 295 20.49 3.61 32.18
C PHE A 295 19.08 3.75 31.64
N VAL A 296 18.12 3.01 32.20
CA VAL A 296 16.73 3.15 31.76
C VAL A 296 16.15 4.49 32.16
N VAL A 297 16.77 5.18 33.12
CA VAL A 297 16.32 6.52 33.49
C VAL A 297 16.56 7.49 32.35
N MET A 298 17.81 7.57 31.87
CA MET A 298 18.13 8.48 30.78
C MET A 298 17.44 8.10 29.47
N MET A 299 17.06 6.84 29.31
CA MET A 299 16.34 6.40 28.13
C MET A 299 14.82 6.56 28.28
N THR A 300 14.35 7.00 29.44
CA THR A 300 12.94 7.28 29.69
C THR A 300 12.79 8.64 30.35
N ALA A 301 13.63 9.60 29.97
CA ALA A 301 13.55 10.96 30.50
C ALA A 301 13.60 11.99 29.38
N GLY A 306 18.08 21.18 31.08
CA GLY A 306 18.91 21.64 29.98
C GLY A 306 19.63 20.51 29.28
N ASP A 307 19.62 20.54 27.95
CA ASP A 307 20.24 19.50 27.14
C ASP A 307 21.67 19.89 26.75
N SER A 308 22.50 20.06 27.78
CA SER A 308 23.93 20.30 27.57
C SER A 308 24.53 19.09 26.86
N SER A 309 24.55 17.94 27.55
CA SER A 309 24.89 16.67 26.94
C SER A 309 23.70 15.73 26.84
N ARG A 310 22.55 16.11 27.41
CA ARG A 310 21.35 15.29 27.28
C ARG A 310 20.91 15.18 25.82
N ARG A 311 21.10 16.25 25.05
CA ARG A 311 20.83 16.19 23.62
C ARG A 311 21.71 15.16 22.93
N LYS A 312 23.01 15.16 23.26
CA LYS A 312 23.94 14.21 22.65
C LYS A 312 23.56 12.78 22.99
N PHE A 313 23.20 12.52 24.25
CA PHE A 313 22.92 11.15 24.67
C PHE A 313 21.59 10.64 24.11
N ASN A 314 20.51 11.42 24.33
CA ASN A 314 19.21 11.03 23.80
C ASN A 314 19.23 10.93 22.27
N LYS A 315 20.15 11.63 21.61
CA LYS A 315 20.30 11.50 20.18
C LYS A 315 20.74 10.09 19.79
N THR A 316 21.81 9.60 20.43
CA THR A 316 22.32 8.27 20.11
C THR A 316 21.38 7.18 20.59
N GLY A 317 20.75 7.38 21.76
CA GLY A 317 19.82 6.39 22.27
C GLY A 317 18.67 6.12 21.32
N LYS A 318 18.22 7.16 20.61
CA LYS A 318 17.20 6.98 19.58
C LYS A 318 17.76 6.17 18.41
N ALA A 319 19.01 6.43 18.02
CA ALA A 319 19.60 5.69 16.91
C ALA A 319 19.91 4.25 17.32
N LEU A 320 20.46 4.06 18.52
CA LEU A 320 20.75 2.69 18.97
C LEU A 320 19.48 1.89 19.17
N ARG A 321 18.37 2.54 19.54
CA ARG A 321 17.11 1.82 19.69
C ARG A 321 16.52 1.44 18.35
N ALA A 322 16.72 2.28 17.32
CA ALA A 322 16.24 1.94 15.99
C ALA A 322 16.99 0.74 15.42
N ILE A 323 18.25 0.54 15.84
CA ILE A 323 19.00 -0.63 15.41
C ILE A 323 18.32 -1.90 15.90
N GLY A 324 18.04 -1.98 17.19
CA GLY A 324 17.33 -3.13 17.74
C GLY A 324 15.89 -3.24 17.28
N ARG A 325 15.28 -2.12 16.90
CA ARG A 325 13.91 -2.16 16.39
C ARG A 325 13.88 -2.58 14.92
N LEU A 326 14.92 -2.23 14.16
CA LEU A 326 15.04 -2.74 12.79
C LEU A 326 15.28 -4.24 12.79
N SER A 327 16.09 -4.74 13.72
CA SER A 327 16.39 -6.16 13.79
C SER A 327 15.20 -6.99 14.27
N SER A 328 14.15 -6.35 14.78
CA SER A 328 12.96 -7.10 15.20
C SER A 328 12.15 -7.60 14.02
N LEU A 329 12.32 -7.01 12.84
CA LEU A 329 11.52 -7.29 11.65
C LEU A 329 10.02 -7.09 11.91
N GLU A 330 9.68 -6.32 12.95
CA GLU A 330 8.30 -5.97 13.25
C GLU A 330 8.11 -4.46 13.38
N GLY A 331 9.07 -3.68 12.88
CA GLY A 331 8.96 -2.23 12.91
C GLY A 331 8.45 -1.67 11.60
N GLY A 332 7.68 -2.47 10.86
CA GLY A 332 7.11 -2.02 9.61
C GLY A 332 5.83 -1.24 9.82
N SER A 333 5.30 -0.74 8.70
CA SER A 333 4.03 -0.03 8.74
C SER A 333 2.91 -0.96 9.18
N VAL A 334 2.04 -0.45 10.06
CA VAL A 334 0.97 -1.28 10.59
C VAL A 334 0.03 -1.73 9.47
N GLY A 335 -0.25 -0.83 8.53
CA GLY A 335 -1.10 -1.20 7.41
C GLY A 335 -0.47 -2.22 6.48
N ARG A 336 0.86 -2.20 6.37
CA ARG A 336 1.55 -3.20 5.55
C ARG A 336 1.43 -4.59 6.15
N LYS A 337 1.67 -4.72 7.46
CA LYS A 337 1.63 -6.04 8.08
C LYS A 337 0.24 -6.65 8.03
N LEU A 338 -0.80 -5.81 7.92
CA LEU A 338 -2.15 -6.32 7.73
C LEU A 338 -2.28 -6.95 6.35
N ILE A 339 -1.89 -6.23 5.31
CA ILE A 339 -2.11 -6.68 3.93
C ILE A 339 -1.01 -7.62 3.46
N ILE A 340 0.25 -7.39 3.83
CA ILE A 340 1.35 -8.19 3.34
C ILE A 340 1.44 -9.51 4.10
N ASP A 341 1.79 -9.44 5.39
CA ASP A 341 1.99 -10.65 6.18
C ASP A 341 0.67 -11.31 6.54
N GLN A 342 -0.15 -10.65 7.35
CA GLN A 342 -1.41 -11.24 7.80
C GLN A 342 -2.42 -11.41 6.66
N ASN A 343 -2.24 -10.70 5.55
CA ASN A 343 -3.05 -10.87 4.35
C ASN A 343 -4.53 -10.62 4.63
N VAL A 344 -4.81 -9.53 5.36
CA VAL A 344 -6.18 -9.25 5.76
C VAL A 344 -7.04 -8.79 4.59
N PHE A 345 -6.42 -8.34 3.49
CA PHE A 345 -7.22 -7.82 2.39
C PHE A 345 -7.88 -8.95 1.61
N ILE A 346 -7.27 -10.13 1.58
CA ILE A 346 -7.90 -11.30 0.99
C ILE A 346 -8.74 -12.06 2.02
N GLU A 347 -8.27 -12.12 3.27
CA GLU A 347 -8.93 -12.91 4.29
C GLU A 347 -10.10 -12.17 4.93
N GLY A 348 -10.00 -10.85 5.06
CA GLY A 348 -11.04 -10.10 5.75
C GLY A 348 -11.75 -9.06 4.91
N THR A 349 -11.00 -8.29 4.12
CA THR A 349 -11.60 -7.22 3.34
C THR A 349 -12.35 -7.75 2.13
N LEU A 350 -11.78 -8.72 1.41
CA LEU A 350 -12.43 -9.26 0.22
C LEU A 350 -13.78 -9.92 0.51
N PRO A 351 -13.91 -10.83 1.49
CA PRO A 351 -15.24 -11.41 1.74
C PRO A 351 -16.26 -10.40 2.23
N MET A 352 -15.81 -9.39 2.99
CA MET A 352 -16.71 -8.32 3.44
C MET A 352 -17.16 -7.41 2.30
N GLY A 353 -16.64 -7.61 1.09
CA GLY A 353 -17.11 -6.89 -0.08
C GLY A 353 -18.25 -7.56 -0.81
N VAL A 354 -18.65 -8.75 -0.38
CA VAL A 354 -19.78 -9.48 -0.96
C VAL A 354 -20.72 -9.85 0.17
N VAL A 355 -21.98 -9.44 0.05
CA VAL A 355 -22.94 -9.73 1.13
C VAL A 355 -23.27 -11.21 1.19
N ARG A 356 -23.20 -11.92 0.04
CA ARG A 356 -23.40 -13.35 0.08
C ARG A 356 -22.10 -14.05 0.47
N PRO A 357 -22.18 -15.24 1.09
CA PRO A 357 -20.97 -15.95 1.49
C PRO A 357 -20.25 -16.52 0.28
N LEU A 358 -18.99 -16.12 0.11
CA LEU A 358 -18.16 -16.71 -0.94
C LEU A 358 -17.76 -18.13 -0.56
N THR A 359 -17.66 -18.98 -1.57
CA THR A 359 -17.32 -20.38 -1.33
C THR A 359 -15.81 -20.56 -1.23
N GLU A 360 -15.40 -21.71 -0.67
CA GLU A 360 -13.98 -22.00 -0.53
C GLU A 360 -13.31 -22.20 -1.88
N VAL A 361 -14.03 -22.76 -2.85
CA VAL A 361 -13.45 -22.92 -4.19
C VAL A 361 -13.38 -21.58 -4.90
N GLU A 362 -14.24 -20.63 -4.53
CA GLU A 362 -14.20 -19.30 -5.14
C GLU A 362 -12.98 -18.52 -4.65
N MET A 363 -12.89 -18.31 -3.33
CA MET A 363 -11.81 -17.51 -2.78
C MET A 363 -10.44 -18.15 -3.01
N ASP A 364 -10.39 -19.46 -3.24
CA ASP A 364 -9.11 -20.10 -3.52
C ASP A 364 -8.50 -19.60 -4.82
N HIS A 365 -9.34 -19.21 -5.79
CA HIS A 365 -8.83 -18.58 -6.99
C HIS A 365 -8.30 -17.19 -6.73
N TYR A 366 -8.80 -16.51 -5.69
CA TYR A 366 -8.32 -15.19 -5.34
C TYR A 366 -7.03 -15.22 -4.54
N ARG A 367 -6.75 -16.32 -3.83
CA ARG A 367 -5.47 -16.45 -3.11
C ARG A 367 -4.33 -16.79 -4.06
N GLU A 368 -4.64 -17.43 -5.19
CA GLU A 368 -3.63 -17.98 -6.09
C GLU A 368 -2.56 -16.98 -6.52
N PRO A 369 -2.88 -15.75 -6.95
CA PRO A 369 -1.81 -14.83 -7.38
C PRO A 369 -0.99 -14.27 -6.22
N PHE A 370 -1.44 -14.43 -4.97
CA PHE A 370 -0.78 -13.79 -3.85
C PHE A 370 -0.43 -14.80 -2.78
N LEU A 371 0.12 -15.95 -3.19
CA LEU A 371 0.59 -16.94 -2.24
C LEU A 371 1.92 -16.55 -1.62
N ASN A 372 2.71 -15.70 -2.28
CA ASN A 372 3.93 -15.13 -1.73
C ASN A 372 3.61 -13.79 -1.06
N PRO A 373 4.02 -13.58 0.19
CA PRO A 373 3.73 -12.30 0.85
C PRO A 373 4.36 -11.10 0.16
N VAL A 374 5.51 -11.28 -0.47
CA VAL A 374 6.18 -10.15 -1.10
C VAL A 374 5.43 -9.69 -2.35
N ASP A 375 4.70 -10.60 -2.99
CA ASP A 375 3.97 -10.28 -4.22
C ASP A 375 2.63 -9.60 -3.96
N ARG A 376 2.39 -9.13 -2.73
CA ARG A 376 1.15 -8.44 -2.38
C ARG A 376 1.33 -6.93 -2.32
N GLU A 377 2.36 -6.40 -2.97
CA GLU A 377 2.61 -4.96 -2.93
C GLU A 377 1.48 -4.15 -3.54
N PRO A 378 0.93 -4.49 -4.72
CA PRO A 378 -0.22 -3.72 -5.22
C PRO A 378 -1.46 -3.84 -4.35
N LEU A 379 -1.58 -4.91 -3.58
CA LEU A 379 -2.71 -5.05 -2.66
C LEU A 379 -2.69 -4.00 -1.56
N TRP A 380 -1.51 -3.48 -1.23
CA TRP A 380 -1.38 -2.44 -0.21
C TRP A 380 -1.23 -1.04 -0.79
N ARG A 381 -0.67 -0.92 -1.99
CA ARG A 381 -0.54 0.41 -2.59
C ARG A 381 -1.88 0.95 -3.06
N PHE A 382 -2.77 0.07 -3.53
CA PHE A 382 -4.09 0.53 -4.00
C PHE A 382 -4.88 1.28 -2.93
N PRO A 383 -5.06 0.77 -1.70
CA PRO A 383 -5.83 1.54 -0.73
C PRO A 383 -5.19 2.86 -0.35
N ASN A 384 -3.85 2.95 -0.35
CA ASN A 384 -3.20 4.21 -0.05
C ASN A 384 -3.30 5.21 -1.19
N GLU A 385 -3.62 4.75 -2.40
CA GLU A 385 -3.84 5.63 -3.55
C GLU A 385 -5.27 6.13 -3.64
N LEU A 386 -6.14 5.74 -2.72
CA LEU A 386 -7.54 6.15 -2.78
C LEU A 386 -7.66 7.65 -2.57
N PRO A 387 -8.36 8.37 -3.44
CA PRO A 387 -8.55 9.82 -3.23
C PRO A 387 -9.46 10.08 -2.04
N ILE A 388 -8.88 10.22 -0.86
CA ILE A 388 -9.63 10.37 0.39
C ILE A 388 -9.08 11.57 1.15
N ALA A 389 -9.98 12.48 1.53
CA ALA A 389 -9.64 13.68 2.29
C ALA A 389 -8.57 14.52 1.57
N GLY A 390 -8.65 14.55 0.25
CA GLY A 390 -7.68 15.30 -0.54
C GLY A 390 -6.28 14.75 -0.50
N GLU A 391 -6.13 13.44 -0.30
CA GLU A 391 -4.83 12.81 -0.25
C GLU A 391 -4.95 11.39 -0.79
N PRO A 392 -4.07 10.95 -1.70
CA PRO A 392 -2.93 11.69 -2.26
C PRO A 392 -3.35 12.81 -3.21
N ALA A 393 -2.56 13.88 -3.25
CA ALA A 393 -2.93 15.06 -4.03
C ALA A 393 -2.92 14.76 -5.53
N ASN A 394 -1.93 14.01 -6.01
CA ASN A 394 -1.85 13.74 -7.43
C ASN A 394 -2.99 12.83 -7.91
N ILE A 395 -3.49 11.96 -7.03
CA ILE A 395 -4.59 11.09 -7.42
C ILE A 395 -5.91 11.85 -7.38
N VAL A 396 -6.08 12.73 -6.39
CA VAL A 396 -7.32 13.51 -6.30
C VAL A 396 -7.49 14.39 -7.53
N ALA A 397 -6.42 15.10 -7.91
CA ALA A 397 -6.50 15.93 -9.11
C ALA A 397 -6.69 15.10 -10.37
N LEU A 398 -6.15 13.87 -10.37
CA LEU A 398 -6.33 13.00 -11.54
C LEU A 398 -7.76 12.52 -11.66
N VAL A 399 -8.34 12.02 -10.56
CA VAL A 399 -9.69 11.49 -10.62
C VAL A 399 -10.70 12.63 -10.79
N GLU A 400 -10.41 13.81 -10.25
CA GLU A 400 -11.31 14.94 -10.43
C GLU A 400 -11.26 15.50 -11.84
N GLU A 401 -10.32 15.05 -12.67
CA GLU A 401 -10.27 15.46 -14.07
C GLU A 401 -11.08 14.54 -14.97
N TYR A 402 -10.96 13.22 -14.81
CA TYR A 402 -11.76 12.33 -15.63
C TYR A 402 -13.22 12.31 -15.21
N MET A 403 -13.53 12.75 -13.99
CA MET A 403 -14.92 12.94 -13.61
C MET A 403 -15.50 14.18 -14.29
N ASP A 404 -14.73 15.26 -14.35
CA ASP A 404 -15.14 16.42 -15.14
C ASP A 404 -15.29 16.05 -16.61
N TRP A 405 -14.46 15.12 -17.10
CA TRP A 405 -14.62 14.63 -18.47
C TRP A 405 -15.89 13.79 -18.61
N LEU A 406 -16.22 13.00 -17.59
CA LEU A 406 -17.37 12.11 -17.68
C LEU A 406 -18.68 12.89 -17.62
N HIS A 407 -18.70 14.04 -16.94
CA HIS A 407 -19.92 14.82 -16.84
C HIS A 407 -20.37 15.39 -18.17
N GLN A 408 -19.46 15.53 -19.13
CA GLN A 408 -19.79 16.12 -20.43
C GLN A 408 -19.58 15.18 -21.60
N SER A 409 -19.11 13.95 -21.36
CA SER A 409 -18.84 13.03 -22.46
C SER A 409 -20.15 12.44 -22.97
N PRO A 410 -20.45 12.56 -24.26
CA PRO A 410 -21.70 12.02 -24.80
C PRO A 410 -21.69 10.52 -25.07
N VAL A 411 -20.68 9.79 -24.59
CA VAL A 411 -20.60 8.36 -24.82
C VAL A 411 -21.66 7.65 -23.99
N PRO A 412 -22.17 6.50 -24.44
CA PRO A 412 -23.15 5.77 -23.62
C PRO A 412 -22.52 5.28 -22.33
N LYS A 413 -23.27 5.43 -21.24
CA LYS A 413 -22.80 5.06 -19.90
C LYS A 413 -23.82 4.15 -19.24
N LEU A 414 -23.36 2.98 -18.79
CA LEU A 414 -24.18 2.00 -18.10
C LEU A 414 -23.63 1.84 -16.68
N LEU A 415 -24.42 2.24 -15.69
CA LEU A 415 -23.99 2.23 -14.29
C LEU A 415 -24.77 1.16 -13.53
N PHE A 416 -24.04 0.33 -12.78
CA PHE A 416 -24.63 -0.66 -11.90
C PHE A 416 -24.34 -0.27 -10.46
N TRP A 417 -25.36 -0.37 -9.61
CA TRP A 417 -25.21 -0.05 -8.19
C TRP A 417 -25.94 -1.11 -7.36
N GLY A 418 -25.75 -1.02 -6.04
CA GLY A 418 -26.38 -1.95 -5.13
C GLY A 418 -26.49 -1.35 -3.75
N THR A 419 -27.20 -2.07 -2.89
CA THR A 419 -27.43 -1.64 -1.52
C THR A 419 -26.70 -2.57 -0.56
N PRO A 420 -25.95 -2.03 0.41
CA PRO A 420 -25.76 -0.59 0.60
C PRO A 420 -24.61 -0.04 -0.23
N GLY A 421 -23.80 -0.92 -0.80
CA GLY A 421 -22.62 -0.51 -1.52
C GLY A 421 -21.50 -0.06 -0.60
N VAL A 422 -20.34 0.21 -1.20
CA VAL A 422 -19.18 0.67 -0.45
C VAL A 422 -18.68 1.98 -1.06
N LEU A 423 -18.34 1.94 -2.34
CA LEU A 423 -17.81 3.12 -3.03
C LEU A 423 -18.91 3.99 -3.63
N ILE A 424 -20.03 3.39 -4.04
CA ILE A 424 -21.14 4.12 -4.63
C ILE A 424 -22.40 3.80 -3.83
N PRO A 425 -22.79 4.66 -2.90
CA PRO A 425 -24.00 4.42 -2.12
C PRO A 425 -25.24 4.69 -2.95
N PRO A 426 -26.43 4.26 -2.49
CA PRO A 426 -27.65 4.52 -3.27
C PRO A 426 -27.94 6.00 -3.46
N ALA A 427 -27.55 6.85 -2.50
CA ALA A 427 -27.80 8.28 -2.66
C ALA A 427 -26.98 8.87 -3.80
N GLU A 428 -25.70 8.50 -3.91
CA GLU A 428 -24.87 8.99 -5.00
C GLU A 428 -25.25 8.32 -6.32
N ALA A 429 -25.69 7.07 -6.28
CA ALA A 429 -26.08 6.36 -7.50
C ALA A 429 -27.32 6.97 -8.13
N ALA A 430 -28.16 7.67 -7.35
CA ALA A 430 -29.33 8.33 -7.92
C ALA A 430 -28.95 9.62 -8.63
N ARG A 431 -27.99 10.38 -8.08
CA ARG A 431 -27.56 11.62 -8.72
C ARG A 431 -26.87 11.34 -10.04
N LEU A 432 -25.99 10.33 -10.08
CA LEU A 432 -25.27 10.00 -11.31
C LEU A 432 -26.23 9.55 -12.40
N ALA A 433 -27.38 8.96 -12.04
CA ALA A 433 -28.35 8.55 -13.04
C ALA A 433 -29.05 9.75 -13.66
N LYS A 434 -29.16 10.86 -12.94
CA LYS A 434 -29.82 12.06 -13.44
C LYS A 434 -28.85 13.14 -13.89
N SER A 435 -27.56 13.01 -13.58
CA SER A 435 -26.59 14.04 -13.92
C SER A 435 -25.69 13.67 -15.10
N LEU A 436 -25.40 12.38 -15.29
CA LEU A 436 -24.49 12.00 -16.36
C LEU A 436 -25.22 11.85 -17.69
N PRO A 437 -24.55 12.19 -18.80
CA PRO A 437 -25.18 12.01 -20.11
C PRO A 437 -25.24 10.54 -20.50
N ASN A 438 -26.34 10.16 -21.15
CA ASN A 438 -26.54 8.80 -21.66
C ASN A 438 -26.42 7.75 -20.55
N CYS A 439 -26.70 8.13 -19.31
CA CYS A 439 -26.50 7.26 -18.16
C CYS A 439 -27.81 6.57 -17.80
N LYS A 440 -27.79 5.24 -17.79
CA LYS A 440 -28.89 4.44 -17.28
C LYS A 440 -28.37 3.61 -16.11
N ALA A 441 -29.02 3.75 -14.96
CA ALA A 441 -28.59 3.05 -13.75
C ALA A 441 -29.44 1.81 -13.55
N VAL A 442 -28.79 0.69 -13.24
CA VAL A 442 -29.45 -0.58 -12.99
C VAL A 442 -29.20 -0.99 -11.55
N ASP A 443 -30.27 -1.29 -10.83
CA ASP A 443 -30.17 -1.73 -9.44
C ASP A 443 -30.09 -3.25 -9.39
N ILE A 444 -29.10 -3.76 -8.66
CA ILE A 444 -28.95 -5.19 -8.45
C ILE A 444 -29.49 -5.63 -7.10
N GLY A 445 -30.02 -4.71 -6.30
CA GLY A 445 -30.50 -5.03 -4.97
C GLY A 445 -29.36 -5.09 -3.98
N PRO A 446 -29.20 -6.25 -3.33
CA PRO A 446 -28.08 -6.41 -2.39
C PRO A 446 -26.74 -6.33 -3.12
N GLY A 447 -25.81 -5.59 -2.52
CA GLY A 447 -24.50 -5.42 -3.12
C GLY A 447 -23.59 -4.49 -2.34
N LEU A 448 -22.30 -4.80 -2.30
CA LEU A 448 -21.33 -3.96 -1.61
C LEU A 448 -20.30 -3.42 -2.59
N ASN A 449 -19.15 -4.11 -2.70
CA ASN A 449 -18.11 -3.72 -3.64
C ASN A 449 -18.06 -4.64 -4.85
N LEU A 450 -17.87 -5.95 -4.64
CA LEU A 450 -17.85 -6.91 -5.72
C LEU A 450 -19.29 -7.24 -6.10
N LEU A 451 -19.90 -6.33 -6.86
CA LEU A 451 -21.25 -6.55 -7.35
C LEU A 451 -21.33 -7.72 -8.32
N GLN A 452 -20.19 -8.16 -8.86
CA GLN A 452 -20.19 -9.27 -9.81
C GLN A 452 -20.47 -10.59 -9.12
N GLU A 453 -20.15 -10.71 -7.83
CA GLU A 453 -20.35 -11.95 -7.11
C GLU A 453 -21.74 -12.08 -6.51
N ASP A 454 -22.45 -10.98 -6.30
CA ASP A 454 -23.80 -11.06 -5.75
C ASP A 454 -24.82 -11.41 -6.83
N ASN A 455 -24.77 -10.73 -7.97
CA ASN A 455 -25.69 -10.97 -9.08
C ASN A 455 -24.96 -10.88 -10.40
N PRO A 456 -24.17 -11.91 -10.74
CA PRO A 456 -23.56 -11.94 -12.07
C PRO A 456 -24.58 -12.16 -13.18
N ASP A 457 -25.77 -12.66 -12.85
CA ASP A 457 -26.80 -12.85 -13.85
C ASP A 457 -27.31 -11.52 -14.37
N LEU A 458 -27.59 -10.57 -13.47
CA LEU A 458 -28.13 -9.29 -13.87
C LEU A 458 -27.08 -8.39 -14.50
N ILE A 459 -25.83 -8.47 -14.05
CA ILE A 459 -24.77 -7.64 -14.62
C ILE A 459 -24.60 -7.94 -16.10
N GLY A 460 -24.45 -9.22 -16.44
CA GLY A 460 -24.36 -9.60 -17.84
C GLY A 460 -25.67 -9.47 -18.61
N SER A 461 -26.79 -9.35 -17.89
CA SER A 461 -28.09 -9.23 -18.55
C SER A 461 -28.25 -7.85 -19.18
N GLU A 462 -28.22 -6.80 -18.36
CA GLU A 462 -28.43 -5.44 -18.88
C GLU A 462 -27.30 -5.03 -19.81
N ILE A 463 -26.09 -5.55 -19.61
CA ILE A 463 -24.99 -5.23 -20.52
C ILE A 463 -25.28 -5.76 -21.92
N ALA A 464 -25.82 -6.98 -22.00
CA ALA A 464 -26.10 -7.59 -23.30
C ALA A 464 -27.09 -6.75 -24.10
N ARG A 465 -28.17 -6.30 -23.46
CA ARG A 465 -29.12 -5.44 -24.15
C ARG A 465 -28.51 -4.07 -24.45
N TRP A 466 -27.67 -3.57 -23.55
CA TRP A 466 -27.03 -2.27 -23.75
C TRP A 466 -25.96 -2.33 -24.84
N LEU A 467 -25.43 -3.50 -25.14
CA LEU A 467 -24.42 -3.63 -26.19
C LEU A 467 -25.01 -3.34 -27.57
N SER A 468 -26.25 -3.75 -27.81
CA SER A 468 -26.87 -3.65 -29.12
C SER A 468 -27.46 -2.27 -29.40
N THR A 469 -27.06 -1.25 -28.65
CA THR A 469 -27.49 0.11 -28.93
C THR A 469 -26.57 0.85 -29.89
N LEU A 470 -25.42 0.25 -30.21
CA LEU A 470 -24.48 0.83 -31.18
C LEU A 470 -23.82 -0.26 -32.00
CL CL B . -8.55 -0.28 -2.57
CA CA C . 31.62 -2.19 31.62
CA CA D . 26.03 4.67 39.02
CA CA E . 12.30 4.41 0.29
CA CA F . 22.85 7.96 3.66
CA CA G . 12.47 8.83 -1.31
CA CA H . 7.52 -8.83 8.51
#